data_5Q0N
#
_entry.id   5Q0N
#
_cell.length_a   72.340
_cell.length_b   84.530
_cell.length_c   191.100
_cell.angle_alpha   90.000
_cell.angle_beta   90.000
_cell.angle_gamma   90.000
#
_symmetry.space_group_name_H-M   'C 2 2 21'
#
loop_
_entity.id
_entity.type
_entity.pdbx_description
1 polymer 'Bile acid receptor'
2 polymer 'COACTIVATOR PEPTIDE SRC-1 HD3'
3 non-polymer '3-chloro-4-({(2S)-2-[2-(4-chlorophenyl)-5,6-difluoro-1H-benzimidazol-1-yl]-2-cyclohexylacetyl}amino)benzoic acid'
4 water water
#
loop_
_entity_poly.entity_id
_entity_poly.type
_entity_poly.pdbx_seq_one_letter_code
_entity_poly.pdbx_strand_id
1 'polypeptide(L)'
;GSHMELTPDQQTLLHFIMDSYNKQRMPQEITNKILKEAFSAEENFLILTEMATNHVQVLVEFTKKLPGFQTLDHEDQIAL
LKGSAVEAMFLRSAEIFNKKLPSGHSDLLEARIRNSGISDEYITPMFSFYKSIGELKMTQEEYALLTAIVILSPDRQYIK
DREAVEKLQEPLLDVLQKLCKIHQPENPQHFACLLGRLTELRTFNHHHAEMLMSWRVNDHKFTPLLCEIWDVQ
;
A,C
2 'polypeptide(L)' KDHQLLRYLLDKDE B,D
#
# COMPACT_ATOMS: atom_id res chain seq x y z
N MET A 4 -37.96 -12.34 -29.94
CA MET A 4 -37.60 -12.84 -28.61
C MET A 4 -36.24 -13.58 -28.65
N GLU A 5 -36.20 -14.75 -29.32
CA GLU A 5 -35.01 -15.61 -29.49
C GLU A 5 -34.15 -15.12 -30.66
N LEU A 6 -32.81 -15.36 -30.62
CA LEU A 6 -31.92 -14.96 -31.72
C LEU A 6 -32.26 -15.71 -33.01
N THR A 7 -32.21 -15.01 -34.14
CA THR A 7 -32.46 -15.56 -35.47
C THR A 7 -31.17 -16.25 -35.96
N PRO A 8 -31.22 -17.16 -36.97
CA PRO A 8 -29.98 -17.79 -37.47
C PRO A 8 -28.89 -16.78 -37.85
N ASP A 9 -29.28 -15.63 -38.45
CA ASP A 9 -28.37 -14.54 -38.82
C ASP A 9 -27.72 -13.89 -37.61
N GLN A 10 -28.48 -13.69 -36.52
CA GLN A 10 -27.97 -13.09 -35.28
C GLN A 10 -26.99 -14.02 -34.56
N GLN A 11 -27.28 -15.33 -34.58
CA GLN A 11 -26.44 -16.35 -33.96
C GLN A 11 -25.11 -16.46 -34.70
N THR A 12 -25.12 -16.29 -36.03
CA THR A 12 -23.95 -16.31 -36.91
C THR A 12 -23.09 -15.10 -36.57
N LEU A 13 -23.75 -13.93 -36.42
CA LEU A 13 -23.11 -12.66 -36.06
C LEU A 13 -22.44 -12.74 -34.69
N LEU A 14 -23.16 -13.26 -33.69
CA LEU A 14 -22.67 -13.41 -32.31
C LEU A 14 -21.42 -14.30 -32.25
N HIS A 15 -21.45 -15.46 -32.94
CA HIS A 15 -20.32 -16.40 -32.98
C HIS A 15 -19.10 -15.78 -33.64
N PHE A 16 -19.32 -15.01 -34.72
CA PHE A 16 -18.25 -14.32 -35.45
C PHE A 16 -17.60 -13.21 -34.61
N ILE A 17 -18.39 -12.47 -33.80
CA ILE A 17 -17.88 -11.41 -32.92
C ILE A 17 -17.05 -12.04 -31.80
N MET A 18 -17.52 -13.21 -31.29
CA MET A 18 -16.86 -13.98 -30.23
C MET A 18 -15.51 -14.52 -30.65
N ASP A 19 -15.39 -15.06 -31.87
CA ASP A 19 -14.13 -15.59 -32.40
C ASP A 19 -13.09 -14.47 -32.43
N SER A 20 -13.47 -13.29 -32.96
CA SER A 20 -12.63 -12.08 -33.07
C SER A 20 -12.21 -11.57 -31.70
N TYR A 21 -13.14 -11.58 -30.73
CA TYR A 21 -12.90 -11.10 -29.37
C TYR A 21 -11.96 -12.02 -28.58
N ASN A 22 -12.01 -13.34 -28.88
CA ASN A 22 -11.17 -14.37 -28.25
C ASN A 22 -9.71 -14.32 -28.71
N LYS A 23 -9.41 -13.58 -29.79
CA LYS A 23 -8.06 -13.36 -30.34
C LYS A 23 -7.25 -12.38 -29.44
N GLN A 24 -7.81 -11.98 -28.29
CA GLN A 24 -7.18 -11.06 -27.33
C GLN A 24 -6.21 -11.77 -26.39
N ARG A 25 -5.35 -10.98 -25.70
CA ARG A 25 -4.40 -11.46 -24.69
C ARG A 25 -5.22 -12.11 -23.54
N MET A 26 -4.85 -13.35 -23.13
CA MET A 26 -5.54 -14.12 -22.11
C MET A 26 -5.60 -13.40 -20.74
N PRO A 27 -6.82 -13.21 -20.15
CA PRO A 27 -6.93 -12.50 -18.86
C PRO A 27 -6.05 -13.04 -17.73
N GLN A 28 -5.89 -14.37 -17.63
CA GLN A 28 -5.09 -15.05 -16.60
C GLN A 28 -3.61 -14.63 -16.66
N GLU A 29 -3.05 -14.49 -17.89
CA GLU A 29 -1.67 -14.06 -18.15
C GLU A 29 -1.39 -12.71 -17.48
N ILE A 30 -2.33 -11.75 -17.65
CA ILE A 30 -2.30 -10.37 -17.13
C ILE A 30 -2.33 -10.35 -15.59
N THR A 31 -3.33 -11.02 -14.97
CA THR A 31 -3.52 -11.08 -13.52
C THR A 31 -2.43 -11.87 -12.82
N ASN A 32 -1.93 -12.98 -13.43
CA ASN A 32 -0.86 -13.78 -12.85
C ASN A 32 0.40 -12.93 -12.66
N LYS A 33 0.71 -12.06 -13.64
CA LYS A 33 1.87 -11.16 -13.61
C LYS A 33 1.78 -10.11 -12.48
N ILE A 34 0.60 -9.47 -12.35
CA ILE A 34 0.34 -8.44 -11.32
C ILE A 34 0.38 -9.08 -9.91
N LEU A 35 -0.27 -10.26 -9.73
CA LEU A 35 -0.35 -10.99 -8.47
C LEU A 35 0.95 -11.68 -8.02
N LYS A 36 1.83 -12.05 -8.99
CA LYS A 36 3.09 -12.77 -8.74
C LYS A 36 4.03 -12.01 -7.81
N GLU A 37 4.39 -10.78 -8.20
CA GLU A 37 5.29 -9.92 -7.45
C GLU A 37 4.92 -8.45 -7.59
N ALA A 38 5.22 -7.66 -6.56
CA ALA A 38 4.96 -6.22 -6.59
C ALA A 38 6.11 -5.55 -7.36
N PHE A 39 5.75 -4.60 -8.22
CA PHE A 39 6.72 -3.88 -9.05
C PHE A 39 6.77 -2.41 -8.64
N SER A 40 7.82 -1.69 -9.08
CA SER A 40 7.94 -0.27 -8.83
C SER A 40 7.00 0.49 -9.80
N ALA A 41 6.67 1.74 -9.47
CA ALA A 41 5.85 2.62 -10.29
C ALA A 41 6.41 2.77 -11.73
N GLU A 42 7.75 2.75 -11.87
CA GLU A 42 8.47 2.84 -13.15
C GLU A 42 8.28 1.53 -13.94
N GLU A 43 8.37 0.38 -13.24
CA GLU A 43 8.17 -0.94 -13.82
C GLU A 43 6.73 -1.11 -14.31
N ASN A 44 5.75 -0.65 -13.49
CA ASN A 44 4.32 -0.71 -13.80
C ASN A 44 3.93 0.22 -14.96
N PHE A 45 4.58 1.39 -15.07
CA PHE A 45 4.32 2.35 -16.16
C PHE A 45 4.73 1.72 -17.49
N LEU A 46 5.84 0.98 -17.51
CA LEU A 46 6.37 0.28 -18.66
C LEU A 46 5.48 -0.91 -19.02
N ILE A 47 4.99 -1.68 -18.01
CA ILE A 47 4.04 -2.78 -18.21
C ILE A 47 2.77 -2.20 -18.89
N LEU A 48 2.26 -1.06 -18.36
CA LEU A 48 1.08 -0.37 -18.89
C LEU A 48 1.28 0.02 -20.37
N THR A 49 2.42 0.65 -20.66
CA THR A 49 2.80 1.14 -21.97
C THR A 49 2.84 -0.03 -23.00
N GLU A 50 3.37 -1.20 -22.63
CA GLU A 50 3.46 -2.39 -23.48
C GLU A 50 2.07 -3.02 -23.69
N MET A 51 1.30 -3.18 -22.59
CA MET A 51 -0.05 -3.75 -22.61
C MET A 51 -0.98 -2.92 -23.49
N ALA A 52 -0.97 -1.58 -23.31
CA ALA A 52 -1.81 -0.64 -24.05
C ALA A 52 -1.47 -0.58 -25.54
N THR A 53 -0.17 -0.70 -25.90
CA THR A 53 0.29 -0.70 -27.30
C THR A 53 -0.24 -1.95 -28.00
N ASN A 54 -0.07 -3.14 -27.36
CA ASN A 54 -0.59 -4.41 -27.87
C ASN A 54 -2.10 -4.36 -28.01
N HIS A 55 -2.82 -3.82 -27.00
CA HIS A 55 -4.28 -3.69 -27.00
C HIS A 55 -4.78 -2.90 -28.24
N VAL A 56 -4.13 -1.78 -28.59
CA VAL A 56 -4.48 -0.95 -29.74
C VAL A 56 -4.38 -1.81 -31.02
N GLN A 57 -3.27 -2.55 -31.16
CA GLN A 57 -3.04 -3.44 -32.27
C GLN A 57 -4.17 -4.46 -32.39
N VAL A 58 -4.53 -5.12 -31.29
CA VAL A 58 -5.61 -6.12 -31.24
C VAL A 58 -6.97 -5.47 -31.55
N LEU A 59 -7.21 -4.26 -31.03
CA LEU A 59 -8.43 -3.50 -31.23
C LEU A 59 -8.61 -3.12 -32.71
N VAL A 60 -7.52 -2.74 -33.42
CA VAL A 60 -7.58 -2.41 -34.85
C VAL A 60 -8.00 -3.65 -35.65
N GLU A 61 -7.42 -4.83 -35.32
CA GLU A 61 -7.75 -6.10 -35.95
C GLU A 61 -9.18 -6.53 -35.69
N PHE A 62 -9.66 -6.36 -34.45
CA PHE A 62 -11.05 -6.66 -34.05
C PHE A 62 -12.04 -5.78 -34.83
N THR A 63 -11.73 -4.48 -34.95
CA THR A 63 -12.53 -3.46 -35.62
C THR A 63 -12.66 -3.74 -37.11
N LYS A 64 -11.54 -4.00 -37.80
CA LYS A 64 -11.48 -4.35 -39.23
C LYS A 64 -12.42 -5.52 -39.57
N LYS A 65 -12.64 -6.44 -38.63
CA LYS A 65 -13.51 -7.60 -38.81
C LYS A 65 -14.99 -7.28 -38.53
N LEU A 66 -15.30 -6.09 -37.97
CA LEU A 66 -16.68 -5.73 -37.70
C LEU A 66 -17.45 -5.56 -38.99
N PRO A 67 -18.60 -6.25 -39.14
CA PRO A 67 -19.36 -6.18 -40.41
C PRO A 67 -19.67 -4.76 -40.89
N GLY A 68 -19.24 -4.50 -42.12
CA GLY A 68 -19.42 -3.21 -42.79
C GLY A 68 -18.37 -2.15 -42.52
N PHE A 69 -17.51 -2.34 -41.48
CA PHE A 69 -16.50 -1.34 -41.12
C PHE A 69 -15.59 -0.87 -42.26
N GLN A 70 -15.13 -1.80 -43.12
CA GLN A 70 -14.21 -1.49 -44.20
C GLN A 70 -14.86 -0.79 -45.41
N THR A 71 -16.21 -0.71 -45.42
CA THR A 71 -16.99 -0.02 -46.47
C THR A 71 -17.16 1.48 -46.12
N LEU A 72 -16.91 1.86 -44.85
CA LEU A 72 -16.99 3.23 -44.35
C LEU A 72 -15.85 4.09 -44.89
N ASP A 73 -16.08 5.42 -44.98
CA ASP A 73 -15.10 6.42 -45.39
C ASP A 73 -13.87 6.29 -44.48
N HIS A 74 -12.66 6.26 -45.09
CA HIS A 74 -11.37 6.09 -44.41
C HIS A 74 -11.13 7.03 -43.23
N GLU A 75 -11.56 8.29 -43.35
CA GLU A 75 -11.37 9.27 -42.29
C GLU A 75 -12.30 9.01 -41.11
N ASP A 76 -13.52 8.47 -41.39
CA ASP A 76 -14.48 8.10 -40.36
C ASP A 76 -13.97 6.86 -39.62
N GLN A 77 -13.29 5.95 -40.35
CA GLN A 77 -12.65 4.76 -39.80
C GLN A 77 -11.61 5.16 -38.73
N ILE A 78 -10.74 6.16 -39.03
CA ILE A 78 -9.72 6.67 -38.11
C ILE A 78 -10.39 7.35 -36.90
N ALA A 79 -11.46 8.15 -37.17
CA ALA A 79 -12.21 8.87 -36.15
C ALA A 79 -12.89 7.93 -35.16
N LEU A 80 -13.43 6.78 -35.64
CA LEU A 80 -14.04 5.77 -34.77
C LEU A 80 -13.02 5.09 -33.85
N LEU A 81 -11.83 4.78 -34.39
CA LEU A 81 -10.72 4.15 -33.66
C LEU A 81 -10.15 5.04 -32.60
N LYS A 82 -9.85 6.31 -32.96
CA LYS A 82 -9.32 7.31 -32.03
C LYS A 82 -10.33 7.57 -30.91
N GLY A 83 -11.61 7.67 -31.26
CA GLY A 83 -12.70 7.92 -30.32
C GLY A 83 -12.97 6.80 -29.32
N SER A 84 -12.66 5.54 -29.66
CA SER A 84 -12.99 4.41 -28.78
C SER A 84 -11.81 3.68 -28.09
N ALA A 85 -10.57 3.88 -28.54
CA ALA A 85 -9.40 3.18 -28.02
C ALA A 85 -9.25 3.17 -26.49
N VAL A 86 -9.33 4.33 -25.82
CA VAL A 86 -9.22 4.47 -24.37
C VAL A 86 -10.39 3.79 -23.64
N GLU A 87 -11.63 4.03 -24.11
CA GLU A 87 -12.85 3.43 -23.57
C GLU A 87 -12.76 1.91 -23.62
N ALA A 88 -12.32 1.36 -24.78
CA ALA A 88 -12.16 -0.07 -25.02
C ALA A 88 -11.14 -0.71 -24.08
N MET A 89 -10.03 0.00 -23.79
CA MET A 89 -9.04 -0.49 -22.83
C MET A 89 -9.62 -0.52 -21.39
N PHE A 90 -10.34 0.55 -20.98
CA PHE A 90 -10.97 0.56 -19.67
C PHE A 90 -12.07 -0.46 -19.54
N LEU A 91 -12.83 -0.73 -20.63
CA LEU A 91 -13.87 -1.77 -20.61
C LEU A 91 -13.22 -3.13 -20.46
N ARG A 92 -12.11 -3.37 -21.19
CA ARG A 92 -11.31 -4.59 -21.14
C ARG A 92 -10.67 -4.79 -19.76
N SER A 93 -10.17 -3.71 -19.14
CA SER A 93 -9.58 -3.72 -17.79
C SER A 93 -10.64 -4.04 -16.76
N ALA A 94 -11.86 -3.53 -16.98
CA ALA A 94 -13.03 -3.77 -16.13
C ALA A 94 -13.43 -5.25 -16.16
N GLU A 95 -13.38 -5.88 -17.37
CA GLU A 95 -13.68 -7.29 -17.59
C GLU A 95 -12.73 -8.17 -16.78
N ILE A 96 -11.42 -7.94 -16.92
CA ILE A 96 -10.36 -8.68 -16.22
C ILE A 96 -10.48 -8.51 -14.70
N PHE A 97 -10.73 -7.27 -14.21
CA PHE A 97 -10.89 -6.97 -12.78
C PHE A 97 -12.04 -7.76 -12.10
N ASN A 98 -13.12 -8.06 -12.86
CA ASN A 98 -14.29 -8.74 -12.34
C ASN A 98 -14.34 -10.24 -12.64
N LYS A 99 -13.25 -10.80 -13.19
CA LYS A 99 -13.11 -12.24 -13.45
C LYS A 99 -12.97 -12.92 -12.08
N LYS A 100 -13.68 -14.05 -11.87
CA LYS A 100 -13.63 -14.80 -10.61
C LYS A 100 -12.23 -15.39 -10.36
N LEU A 101 -11.72 -15.20 -9.14
CA LEU A 101 -10.39 -15.63 -8.70
C LEU A 101 -10.44 -16.33 -7.33
N PRO A 102 -9.38 -17.07 -6.91
CA PRO A 102 -9.42 -17.70 -5.57
C PRO A 102 -9.46 -16.66 -4.44
N SER A 103 -9.89 -17.09 -3.23
CA SER A 103 -10.01 -16.24 -2.04
C SER A 103 -8.80 -15.35 -1.82
N GLY A 104 -9.07 -14.05 -1.63
CA GLY A 104 -8.05 -13.04 -1.37
C GLY A 104 -7.38 -12.39 -2.58
N HIS A 105 -7.32 -13.13 -3.73
CA HIS A 105 -6.70 -12.71 -4.99
C HIS A 105 -7.22 -11.39 -5.55
N SER A 106 -8.55 -11.18 -5.56
CA SER A 106 -9.14 -9.95 -6.08
C SER A 106 -8.83 -8.74 -5.20
N ASP A 107 -8.74 -8.95 -3.87
CA ASP A 107 -8.37 -7.90 -2.93
C ASP A 107 -6.90 -7.52 -3.12
N LEU A 108 -6.03 -8.53 -3.41
CA LEU A 108 -4.61 -8.33 -3.68
C LEU A 108 -4.42 -7.64 -5.04
N LEU A 109 -5.21 -8.05 -6.04
CA LEU A 109 -5.18 -7.46 -7.38
C LEU A 109 -5.50 -5.97 -7.29
N GLU A 110 -6.59 -5.61 -6.60
CA GLU A 110 -7.03 -4.23 -6.36
C GLU A 110 -5.91 -3.44 -5.64
N ALA A 111 -5.36 -4.00 -4.55
CA ALA A 111 -4.28 -3.37 -3.78
C ALA A 111 -3.01 -3.12 -4.64
N ARG A 112 -2.65 -4.08 -5.52
CA ARG A 112 -1.50 -3.94 -6.40
C ARG A 112 -1.74 -2.86 -7.46
N ILE A 113 -2.98 -2.75 -7.99
CA ILE A 113 -3.36 -1.70 -8.97
C ILE A 113 -3.38 -0.32 -8.28
N ARG A 114 -3.92 -0.25 -7.05
CA ARG A 114 -4.01 0.95 -6.21
C ARG A 114 -2.63 1.57 -5.95
N ASN A 115 -1.59 0.72 -5.91
CA ASN A 115 -0.21 1.12 -5.64
C ASN A 115 0.72 1.09 -6.86
N SER A 116 0.15 0.96 -8.08
CA SER A 116 0.89 0.88 -9.35
C SER A 116 1.67 2.15 -9.75
N GLY A 117 1.25 3.30 -9.24
CA GLY A 117 1.87 4.58 -9.57
C GLY A 117 0.86 5.67 -9.87
N ILE A 118 -0.36 5.29 -10.30
CA ILE A 118 -1.46 6.23 -10.58
C ILE A 118 -1.72 7.12 -9.35
N SER A 119 -2.10 8.39 -9.60
CA SER A 119 -2.42 9.35 -8.55
C SER A 119 -3.73 9.01 -7.87
N ASP A 120 -3.86 9.34 -6.58
CA ASP A 120 -5.06 9.07 -5.76
C ASP A 120 -6.35 9.62 -6.39
N GLU A 121 -6.23 10.78 -7.05
CA GLU A 121 -7.25 11.55 -7.78
C GLU A 121 -8.01 10.70 -8.81
N TYR A 122 -7.32 9.72 -9.43
CA TYR A 122 -7.86 8.88 -10.49
C TYR A 122 -8.19 7.44 -10.07
N ILE A 123 -7.77 7.02 -8.85
CA ILE A 123 -7.98 5.66 -8.32
C ILE A 123 -9.46 5.41 -8.00
N THR A 124 -10.11 6.36 -7.31
CA THR A 124 -11.52 6.24 -6.96
C THR A 124 -12.43 6.26 -8.20
N PRO A 125 -12.36 7.25 -9.17
CA PRO A 125 -13.23 7.16 -10.37
C PRO A 125 -13.03 5.86 -11.16
N MET A 126 -11.79 5.32 -11.18
CA MET A 126 -11.47 4.08 -11.88
C MET A 126 -12.10 2.82 -11.21
N PHE A 127 -11.89 2.61 -9.87
CA PHE A 127 -12.46 1.45 -9.17
C PHE A 127 -13.97 1.53 -9.03
N SER A 128 -14.53 2.76 -9.01
CA SER A 128 -15.97 2.99 -8.98
C SER A 128 -16.59 2.47 -10.31
N PHE A 129 -15.96 2.80 -11.46
CA PHE A 129 -16.39 2.30 -12.76
C PHE A 129 -16.30 0.76 -12.84
N TYR A 130 -15.19 0.16 -12.39
CA TYR A 130 -14.94 -1.29 -12.40
C TYR A 130 -15.99 -2.07 -11.59
N LYS A 131 -16.27 -1.61 -10.37
CA LYS A 131 -17.23 -2.26 -9.49
C LYS A 131 -18.68 -2.15 -10.03
N SER A 132 -19.04 -1.00 -10.65
CA SER A 132 -20.34 -0.76 -11.29
C SER A 132 -20.54 -1.66 -12.51
N ILE A 133 -19.42 -2.03 -13.18
CA ILE A 133 -19.38 -2.97 -14.30
C ILE A 133 -19.66 -4.36 -13.76
N GLY A 134 -18.98 -4.72 -12.67
CA GLY A 134 -19.13 -6.00 -12.00
C GLY A 134 -20.53 -6.34 -11.53
N GLU A 135 -21.31 -5.32 -11.13
CA GLU A 135 -22.68 -5.46 -10.63
C GLU A 135 -23.66 -6.00 -11.70
N LEU A 136 -23.31 -5.84 -12.99
CA LEU A 136 -24.08 -6.31 -14.15
C LEU A 136 -23.90 -7.79 -14.40
N LYS A 137 -22.84 -8.40 -13.83
CA LYS A 137 -22.50 -9.83 -13.96
C LYS A 137 -22.56 -10.24 -15.43
N MET A 138 -21.80 -9.50 -16.25
CA MET A 138 -21.73 -9.64 -17.71
C MET A 138 -21.07 -10.92 -18.16
N THR A 139 -21.59 -11.49 -19.25
CA THR A 139 -21.04 -12.70 -19.87
C THR A 139 -20.02 -12.25 -20.88
N GLN A 140 -19.17 -13.18 -21.33
CA GLN A 140 -18.14 -12.91 -22.34
C GLN A 140 -18.70 -12.28 -23.63
N GLU A 141 -19.91 -12.73 -24.04
CA GLU A 141 -20.64 -12.26 -25.22
C GLU A 141 -21.10 -10.82 -25.06
N GLU A 142 -21.57 -10.47 -23.83
CA GLU A 142 -22.01 -9.13 -23.49
C GLU A 142 -20.83 -8.14 -23.55
N TYR A 143 -19.65 -8.56 -23.08
CA TYR A 143 -18.40 -7.78 -23.15
C TYR A 143 -17.99 -7.56 -24.61
N ALA A 144 -18.05 -8.63 -25.44
CA ALA A 144 -17.69 -8.59 -26.87
C ALA A 144 -18.61 -7.68 -27.65
N LEU A 145 -19.93 -7.78 -27.44
CA LEU A 145 -20.94 -6.93 -28.12
C LEU A 145 -20.83 -5.48 -27.68
N LEU A 146 -20.63 -5.22 -26.37
CA LEU A 146 -20.47 -3.87 -25.82
C LEU A 146 -19.22 -3.19 -26.38
N THR A 147 -18.13 -3.93 -26.57
CA THR A 147 -16.90 -3.38 -27.17
C THR A 147 -17.20 -2.96 -28.61
N ALA A 148 -17.86 -3.85 -29.39
CA ALA A 148 -18.29 -3.54 -30.77
C ALA A 148 -19.20 -2.31 -30.83
N ILE A 149 -20.16 -2.21 -29.89
CA ILE A 149 -21.09 -1.08 -29.78
C ILE A 149 -20.34 0.23 -29.48
N VAL A 150 -19.35 0.18 -28.56
CA VAL A 150 -18.48 1.31 -28.19
C VAL A 150 -17.68 1.82 -29.40
N ILE A 151 -17.11 0.90 -30.19
CA ILE A 151 -16.32 1.23 -31.38
C ILE A 151 -17.21 1.89 -32.46
N LEU A 152 -18.38 1.31 -32.71
CA LEU A 152 -19.29 1.80 -33.75
C LEU A 152 -20.28 2.85 -33.23
N SER A 153 -19.80 3.79 -32.42
CA SER A 153 -20.61 4.88 -31.88
C SER A 153 -20.78 5.97 -32.93
N PRO A 154 -22.04 6.24 -33.40
CA PRO A 154 -22.25 7.27 -34.44
C PRO A 154 -22.00 8.68 -33.96
N ASP A 155 -22.28 8.96 -32.67
CA ASP A 155 -22.13 10.28 -32.03
C ASP A 155 -20.70 10.56 -31.53
N ARG A 156 -19.69 10.09 -32.27
CA ARG A 156 -18.27 10.32 -31.97
C ARG A 156 -17.87 11.59 -32.75
N GLN A 157 -16.95 12.42 -32.20
CA GLN A 157 -16.59 13.66 -32.88
C GLN A 157 -15.74 13.40 -34.14
N TYR A 158 -15.91 14.28 -35.14
CA TYR A 158 -15.24 14.31 -36.46
C TYR A 158 -15.85 13.30 -37.48
N ILE A 159 -16.90 12.54 -37.08
CA ILE A 159 -17.59 11.60 -37.99
C ILE A 159 -18.41 12.42 -39.00
N LYS A 160 -18.18 12.18 -40.31
CA LYS A 160 -18.87 12.87 -41.40
C LYS A 160 -20.21 12.22 -41.72
N ASP A 161 -20.26 10.89 -41.80
CA ASP A 161 -21.47 10.13 -42.12
C ASP A 161 -21.91 9.26 -40.92
N ARG A 162 -22.71 9.86 -40.01
CA ARG A 162 -23.23 9.23 -38.81
C ARG A 162 -24.18 8.10 -39.10
N GLU A 163 -25.05 8.27 -40.11
CA GLU A 163 -26.06 7.28 -40.53
C GLU A 163 -25.45 5.98 -41.03
N ALA A 164 -24.25 6.05 -41.64
CA ALA A 164 -23.54 4.86 -42.12
C ALA A 164 -23.06 4.03 -40.91
N VAL A 165 -22.60 4.71 -39.84
CA VAL A 165 -22.13 4.12 -38.60
C VAL A 165 -23.33 3.53 -37.84
N GLU A 166 -24.43 4.29 -37.80
CA GLU A 166 -25.72 3.94 -37.18
C GLU A 166 -26.19 2.57 -37.65
N LYS A 167 -26.20 2.36 -38.98
CA LYS A 167 -26.59 1.13 -39.67
C LYS A 167 -25.76 -0.08 -39.28
N LEU A 168 -24.48 0.13 -38.91
CA LEU A 168 -23.59 -0.96 -38.48
C LEU A 168 -23.77 -1.29 -36.99
N GLN A 169 -24.11 -0.28 -36.16
CA GLN A 169 -24.29 -0.44 -34.72
C GLN A 169 -25.65 -1.07 -34.35
N GLU A 170 -26.71 -0.72 -35.11
CA GLU A 170 -28.08 -1.21 -34.86
C GLU A 170 -28.17 -2.74 -34.76
N PRO A 171 -27.65 -3.57 -35.71
CA PRO A 171 -27.75 -5.02 -35.54
C PRO A 171 -27.04 -5.58 -34.30
N LEU A 172 -25.96 -4.90 -33.84
CA LEU A 172 -25.22 -5.32 -32.65
C LEU A 172 -26.00 -5.01 -31.37
N LEU A 173 -26.67 -3.84 -31.33
CA LEU A 173 -27.54 -3.43 -30.23
C LEU A 173 -28.74 -4.40 -30.09
N ASP A 174 -29.34 -4.86 -31.22
CA ASP A 174 -30.44 -5.82 -31.22
C ASP A 174 -30.04 -7.18 -30.67
N VAL A 175 -28.84 -7.66 -31.03
CA VAL A 175 -28.30 -8.93 -30.53
C VAL A 175 -28.06 -8.85 -29.01
N LEU A 176 -27.45 -7.76 -28.52
CA LEU A 176 -27.21 -7.56 -27.09
C LEU A 176 -28.55 -7.50 -26.32
N GLN A 177 -29.56 -6.79 -26.87
CA GLN A 177 -30.88 -6.67 -26.24
C GLN A 177 -31.52 -8.04 -26.03
N LYS A 178 -31.53 -8.89 -27.09
CA LYS A 178 -32.04 -10.27 -27.03
C LYS A 178 -31.30 -11.09 -25.96
N LEU A 179 -29.96 -10.98 -25.88
CA LEU A 179 -29.15 -11.68 -24.89
C LEU A 179 -29.49 -11.25 -23.47
N CYS A 180 -29.74 -9.93 -23.25
CA CYS A 180 -30.09 -9.39 -21.93
C CYS A 180 -31.40 -10.00 -21.44
N LYS A 181 -32.39 -10.16 -22.33
CA LYS A 181 -33.70 -10.75 -22.03
C LYS A 181 -33.60 -12.25 -21.71
N ILE A 182 -32.70 -12.96 -22.41
CA ILE A 182 -32.47 -14.40 -22.24
C ILE A 182 -31.69 -14.67 -20.95
N HIS A 183 -30.55 -13.98 -20.77
CA HIS A 183 -29.66 -14.14 -19.62
C HIS A 183 -30.26 -13.64 -18.30
N GLN A 184 -31.02 -12.52 -18.33
CA GLN A 184 -31.65 -11.91 -17.16
C GLN A 184 -33.15 -11.65 -17.41
N PRO A 185 -34.01 -12.70 -17.48
CA PRO A 185 -35.45 -12.46 -17.72
C PRO A 185 -36.19 -11.80 -16.58
N GLU A 186 -35.69 -11.99 -15.33
CA GLU A 186 -36.25 -11.42 -14.11
C GLU A 186 -36.08 -9.89 -14.04
N ASN A 187 -35.02 -9.36 -14.69
CA ASN A 187 -34.68 -7.94 -14.73
C ASN A 187 -34.78 -7.37 -16.16
N PRO A 188 -35.91 -6.73 -16.53
CA PRO A 188 -36.06 -6.18 -17.89
C PRO A 188 -35.33 -4.85 -18.10
N GLN A 189 -34.72 -4.31 -17.03
CA GLN A 189 -33.97 -3.06 -17.04
C GLN A 189 -32.54 -3.26 -17.50
N HIS A 190 -32.05 -4.51 -17.39
CA HIS A 190 -30.66 -4.92 -17.68
C HIS A 190 -30.04 -4.32 -18.94
N PHE A 191 -30.78 -4.28 -20.06
CA PHE A 191 -30.27 -3.71 -21.32
C PHE A 191 -29.94 -2.22 -21.16
N ALA A 192 -30.87 -1.43 -20.63
CA ALA A 192 -30.69 0.00 -20.40
C ALA A 192 -29.58 0.27 -19.37
N CYS A 193 -29.46 -0.59 -18.34
CA CYS A 193 -28.41 -0.49 -17.31
C CYS A 193 -27.05 -0.64 -17.97
N LEU A 194 -26.93 -1.62 -18.90
CA LEU A 194 -25.74 -1.90 -19.69
C LEU A 194 -25.38 -0.70 -20.55
N LEU A 195 -26.37 -0.09 -21.24
CA LEU A 195 -26.16 1.09 -22.07
C LEU A 195 -25.76 2.33 -21.25
N GLY A 196 -26.28 2.39 -20.02
CA GLY A 196 -26.04 3.45 -19.05
C GLY A 196 -24.60 3.53 -18.59
N ARG A 197 -23.90 2.39 -18.60
CA ARG A 197 -22.49 2.28 -18.22
C ARG A 197 -21.57 2.92 -19.25
N LEU A 198 -22.06 3.07 -20.50
CA LEU A 198 -21.27 3.69 -21.58
C LEU A 198 -21.01 5.18 -21.33
N THR A 199 -21.92 5.88 -20.61
CA THR A 199 -21.77 7.30 -20.29
C THR A 199 -20.67 7.49 -19.25
N GLU A 200 -20.55 6.56 -18.29
CA GLU A 200 -19.46 6.63 -17.29
C GLU A 200 -18.13 6.26 -17.95
N LEU A 201 -18.17 5.44 -19.03
CA LEU A 201 -16.96 5.08 -19.78
C LEU A 201 -16.42 6.33 -20.48
N ARG A 202 -17.32 7.12 -21.11
CA ARG A 202 -16.99 8.36 -21.82
C ARG A 202 -16.23 9.40 -20.97
N THR A 203 -16.47 9.46 -19.65
CA THR A 203 -15.79 10.39 -18.72
C THR A 203 -14.26 10.17 -18.65
N PHE A 204 -13.80 8.92 -18.85
CA PHE A 204 -12.39 8.52 -18.84
C PHE A 204 -11.57 9.13 -19.98
N ASN A 205 -12.23 9.58 -21.06
CA ASN A 205 -11.58 10.21 -22.21
C ASN A 205 -11.10 11.62 -21.89
N HIS A 206 -11.85 12.30 -21.01
CA HIS A 206 -11.54 13.67 -20.63
C HIS A 206 -10.27 13.71 -19.80
N HIS A 207 -10.07 12.70 -18.91
CA HIS A 207 -8.90 12.71 -18.04
C HIS A 207 -7.91 11.55 -18.20
N HIS A 208 -7.84 10.90 -19.39
CA HIS A 208 -6.82 9.84 -19.57
C HIS A 208 -5.40 10.42 -19.63
N ALA A 209 -5.19 11.50 -20.41
CA ALA A 209 -3.88 12.16 -20.58
C ALA A 209 -3.26 12.60 -19.26
N GLU A 210 -4.07 13.18 -18.37
CA GLU A 210 -3.67 13.65 -17.05
C GLU A 210 -3.34 12.47 -16.15
N MET A 211 -4.18 11.42 -16.20
CA MET A 211 -4.09 10.16 -15.44
C MET A 211 -2.73 9.51 -15.69
N LEU A 212 -2.23 9.61 -16.93
CA LEU A 212 -0.95 9.09 -17.39
C LEU A 212 0.22 9.98 -17.02
N MET A 213 0.06 11.32 -17.13
CA MET A 213 1.11 12.30 -16.82
C MET A 213 1.32 12.44 -15.31
N SER A 214 0.29 12.13 -14.51
CA SER A 214 0.31 12.23 -13.04
C SER A 214 0.91 10.99 -12.37
N TRP A 215 1.17 9.91 -13.16
CA TRP A 215 1.77 8.65 -12.71
C TRP A 215 3.11 8.97 -12.05
N ARG A 216 3.37 8.43 -10.84
CA ARG A 216 4.58 8.71 -10.04
C ARG A 216 5.86 8.12 -10.66
N VAL A 217 6.32 8.71 -11.78
CA VAL A 217 7.51 8.32 -12.56
C VAL A 217 8.25 9.61 -12.94
N ASN A 218 9.59 9.53 -13.09
CA ASN A 218 10.42 10.69 -13.43
C ASN A 218 10.24 11.13 -14.89
N ASP A 219 10.05 10.15 -15.79
CA ASP A 219 9.82 10.41 -17.20
C ASP A 219 8.73 9.52 -17.75
N HIS A 220 7.76 10.14 -18.44
CA HIS A 220 6.61 9.48 -19.04
C HIS A 220 6.86 9.21 -20.53
N LYS A 221 7.61 8.15 -20.82
CA LYS A 221 7.95 7.76 -22.20
C LYS A 221 6.88 6.82 -22.76
N PHE A 222 6.28 7.21 -23.90
CA PHE A 222 5.26 6.41 -24.58
C PHE A 222 5.77 5.89 -25.92
N THR A 223 5.01 5.01 -26.57
CA THR A 223 5.37 4.45 -27.88
C THR A 223 4.77 5.33 -28.99
N PRO A 224 5.37 5.41 -30.21
CA PRO A 224 4.77 6.25 -31.27
C PRO A 224 3.29 5.94 -31.57
N LEU A 225 2.85 4.68 -31.36
CA LEU A 225 1.46 4.27 -31.55
C LEU A 225 0.57 4.87 -30.46
N LEU A 226 1.03 4.87 -29.18
CA LEU A 226 0.27 5.45 -28.07
C LEU A 226 0.17 6.96 -28.19
N CYS A 227 1.20 7.62 -28.71
CA CYS A 227 1.21 9.08 -28.94
C CYS A 227 0.12 9.49 -29.93
N GLU A 228 -0.17 8.65 -30.94
CA GLU A 228 -1.19 8.90 -31.95
C GLU A 228 -2.60 8.70 -31.41
N ILE A 229 -2.80 7.63 -30.64
CA ILE A 229 -4.10 7.20 -30.13
C ILE A 229 -4.53 7.94 -28.87
N TRP A 230 -3.57 8.25 -27.97
CA TRP A 230 -3.81 8.92 -26.69
C TRP A 230 -3.64 10.44 -26.66
N ASP A 231 -2.82 11.01 -27.55
CA ASP A 231 -2.55 12.45 -27.58
C ASP A 231 -1.85 12.89 -26.26
N VAL A 232 -0.65 12.35 -26.09
CA VAL A 232 0.30 12.57 -25.00
C VAL A 232 1.65 12.87 -25.66
N ASP B 2 -0.93 12.81 -40.12
CA ASP B 2 -1.30 13.03 -38.72
C ASP B 2 -1.38 11.72 -37.92
N HIS B 3 -2.31 10.81 -38.26
CA HIS B 3 -2.45 9.51 -37.57
C HIS B 3 -1.88 8.41 -38.47
N GLN B 4 -0.59 8.57 -38.87
CA GLN B 4 0.16 7.73 -39.79
C GLN B 4 0.11 6.23 -39.46
N LEU B 5 0.43 5.85 -38.21
CA LEU B 5 0.49 4.45 -37.78
C LEU B 5 -0.88 3.81 -37.77
N LEU B 6 -1.88 4.56 -37.27
CA LEU B 6 -3.27 4.15 -37.20
C LEU B 6 -3.80 3.87 -38.60
N ARG B 7 -3.55 4.80 -39.55
CA ARG B 7 -3.89 4.74 -40.97
C ARG B 7 -3.19 3.53 -41.59
N TYR B 8 -1.87 3.36 -41.30
CA TYR B 8 -1.11 2.23 -41.81
C TYR B 8 -1.75 0.90 -41.40
N LEU B 9 -2.01 0.72 -40.10
CA LEU B 9 -2.62 -0.50 -39.54
C LEU B 9 -4.02 -0.78 -40.11
N LEU B 10 -4.75 0.28 -40.47
CA LEU B 10 -6.09 0.25 -41.05
C LEU B 10 -6.09 -0.15 -42.53
N ASP B 11 -5.15 0.40 -43.31
CA ASP B 11 -5.04 0.17 -44.77
C ASP B 11 -4.21 -1.06 -45.17
N LYS B 12 -3.45 -1.67 -44.21
CA LYS B 12 -2.57 -2.85 -44.33
C LYS B 12 -2.78 -3.73 -45.57
N MET C 4 0.13 6.80 0.37
CA MET C 4 0.68 8.16 0.37
C MET C 4 2.20 8.19 0.52
N GLU C 5 2.83 9.25 -0.03
CA GLU C 5 4.27 9.46 0.02
C GLU C 5 4.61 10.64 0.93
N LEU C 6 5.84 10.64 1.48
CA LEU C 6 6.33 11.68 2.39
C LEU C 6 6.59 12.99 1.67
N THR C 7 6.28 14.11 2.33
CA THR C 7 6.52 15.46 1.82
C THR C 7 8.01 15.80 2.11
N PRO C 8 8.63 16.79 1.42
CA PRO C 8 10.02 17.17 1.74
C PRO C 8 10.25 17.47 3.22
N ASP C 9 9.26 18.12 3.90
CA ASP C 9 9.30 18.42 5.33
C ASP C 9 9.28 17.17 6.20
N GLN C 10 8.50 16.14 5.81
CA GLN C 10 8.43 14.86 6.55
C GLN C 10 9.71 14.06 6.41
N GLN C 11 10.33 14.10 5.21
CA GLN C 11 11.60 13.44 4.93
C GLN C 11 12.76 14.07 5.73
N THR C 12 12.69 15.40 5.93
CA THR C 12 13.65 16.18 6.73
C THR C 12 13.49 15.77 8.21
N LEU C 13 12.23 15.64 8.68
CA LEU C 13 11.88 15.22 10.03
C LEU C 13 12.37 13.78 10.31
N LEU C 14 12.11 12.85 9.37
CA LEU C 14 12.51 11.45 9.45
C LEU C 14 14.04 11.30 9.55
N HIS C 15 14.81 12.03 8.71
CA HIS C 15 16.27 12.00 8.73
C HIS C 15 16.83 12.54 10.04
N PHE C 16 16.21 13.61 10.59
CA PHE C 16 16.59 14.21 11.88
C PHE C 16 16.34 13.26 13.06
N ILE C 17 15.24 12.49 13.03
CA ILE C 17 14.89 11.51 14.07
C ILE C 17 15.90 10.36 14.02
N MET C 18 16.27 9.95 12.80
CA MET C 18 17.23 8.87 12.53
C MET C 18 18.62 9.18 13.02
N ASP C 19 19.11 10.42 12.80
CA ASP C 19 20.44 10.85 13.27
C ASP C 19 20.52 10.73 14.79
N SER C 20 19.48 11.23 15.50
CA SER C 20 19.33 11.19 16.96
C SER C 20 19.27 9.76 17.47
N TYR C 21 18.54 8.88 16.77
CA TYR C 21 18.36 7.47 17.15
C TYR C 21 19.65 6.66 16.97
N ASN C 22 20.47 7.03 15.97
CA ASN C 22 21.74 6.38 15.64
C ASN C 22 22.87 6.68 16.65
N LYS C 23 22.64 7.67 17.54
CA LYS C 23 23.56 8.07 18.61
C LYS C 23 23.54 7.02 19.77
N GLN C 24 22.82 5.90 19.59
CA GLN C 24 22.68 4.80 20.56
C GLN C 24 23.83 3.82 20.54
N ARG C 25 23.96 3.00 21.62
CA ARG C 25 24.95 1.93 21.78
C ARG C 25 24.71 0.91 20.67
N MET C 26 25.78 0.51 19.94
CA MET C 26 25.72 -0.44 18.83
C MET C 26 25.13 -1.81 19.23
N PRO C 27 24.07 -2.28 18.52
CA PRO C 27 23.45 -3.59 18.85
C PRO C 27 24.42 -4.79 18.92
N GLN C 28 25.41 -4.84 17.99
CA GLN C 28 26.41 -5.91 17.93
C GLN C 28 27.25 -6.02 19.21
N GLU C 29 27.64 -4.87 19.80
CA GLU C 29 28.41 -4.75 21.04
C GLU C 29 27.71 -5.51 22.18
N ILE C 30 26.39 -5.29 22.32
CA ILE C 30 25.48 -5.88 23.31
C ILE C 30 25.37 -7.40 23.17
N THR C 31 25.04 -7.89 21.94
CA THR C 31 24.88 -9.31 21.63
C THR C 31 26.18 -10.08 21.68
N ASN C 32 27.31 -9.47 21.24
CA ASN C 32 28.63 -10.12 21.27
C ASN C 32 29.00 -10.49 22.71
N LYS C 33 28.71 -9.58 23.68
CA LYS C 33 28.98 -9.78 25.10
C LYS C 33 28.17 -10.93 25.70
N ILE C 34 26.85 -10.99 25.41
CA ILE C 34 25.95 -12.04 25.90
C ILE C 34 26.33 -13.41 25.30
N LEU C 35 26.61 -13.45 23.98
CA LEU C 35 26.99 -14.67 23.23
C LEU C 35 28.39 -15.22 23.53
N LYS C 36 29.35 -14.33 23.91
CA LYS C 36 30.75 -14.67 24.19
C LYS C 36 30.89 -15.73 25.28
N GLU C 37 30.36 -15.44 26.47
CA GLU C 37 30.43 -16.31 27.64
C GLU C 37 29.18 -16.20 28.50
N ALA C 38 28.82 -17.30 29.18
CA ALA C 38 27.69 -17.32 30.10
C ALA C 38 28.12 -16.69 31.42
N PHE C 39 27.26 -15.85 31.99
CA PHE C 39 27.53 -15.17 33.25
C PHE C 39 26.57 -15.64 34.34
N SER C 40 26.89 -15.34 35.61
CA SER C 40 26.02 -15.67 36.74
C SER C 40 24.87 -14.64 36.80
N ALA C 41 23.77 -14.96 37.52
CA ALA C 41 22.61 -14.09 37.71
C ALA C 41 22.98 -12.73 38.38
N GLU C 42 24.02 -12.73 39.25
CA GLU C 42 24.58 -11.55 39.91
C GLU C 42 25.36 -10.70 38.87
N GLU C 43 26.14 -11.36 37.97
CA GLU C 43 26.92 -10.71 36.91
C GLU C 43 25.98 -10.06 35.88
N ASN C 44 24.89 -10.78 35.52
CA ASN C 44 23.89 -10.31 34.56
C ASN C 44 23.06 -9.15 35.12
N PHE C 45 22.78 -9.16 36.44
CA PHE C 45 22.02 -8.08 37.09
C PHE C 45 22.81 -6.76 37.01
N LEU C 46 24.14 -6.86 37.18
CA LEU C 46 25.07 -5.74 37.09
C LEU C 46 25.19 -5.23 35.65
N ILE C 47 25.25 -6.16 34.66
CA ILE C 47 25.27 -5.83 33.23
C ILE C 47 23.97 -5.05 32.92
N LEU C 48 22.81 -5.56 33.40
CA LEU C 48 21.50 -4.94 33.21
C LEU C 48 21.48 -3.50 33.76
N THR C 49 21.94 -3.35 35.01
CA THR C 49 22.01 -2.09 35.74
C THR C 49 22.86 -1.04 34.96
N GLU C 50 24.00 -1.45 34.37
CA GLU C 50 24.89 -0.57 33.60
C GLU C 50 24.26 -0.20 32.25
N MET C 51 23.71 -1.20 31.53
CA MET C 51 23.06 -1.02 30.24
C MET C 51 21.85 -0.08 30.34
N ALA C 52 21.00 -0.29 31.36
CA ALA C 52 19.80 0.50 31.60
C ALA C 52 20.12 1.94 32.01
N THR C 53 21.22 2.17 32.77
CA THR C 53 21.66 3.51 33.19
C THR C 53 22.11 4.30 31.95
N ASN C 54 22.94 3.67 31.10
CA ASN C 54 23.39 4.30 29.85
C ASN C 54 22.22 4.60 28.93
N HIS C 55 21.27 3.65 28.80
CA HIS C 55 20.06 3.79 27.99
C HIS C 55 19.24 5.04 28.39
N VAL C 56 19.06 5.28 29.71
CA VAL C 56 18.33 6.45 30.22
C VAL C 56 19.02 7.72 29.75
N GLN C 57 20.36 7.78 29.89
CA GLN C 57 21.16 8.92 29.44
C GLN C 57 20.93 9.19 27.95
N VAL C 58 21.01 8.15 27.12
CA VAL C 58 20.80 8.25 25.67
C VAL C 58 19.35 8.67 25.34
N LEU C 59 18.39 8.12 26.08
CA LEU C 59 16.96 8.40 25.93
C LEU C 59 16.63 9.86 26.26
N VAL C 60 17.27 10.44 27.30
CA VAL C 60 17.08 11.85 27.67
C VAL C 60 17.57 12.74 26.53
N GLU C 61 18.75 12.41 25.94
CA GLU C 61 19.33 13.14 24.82
C GLU C 61 18.47 13.07 23.58
N PHE C 62 17.94 11.88 23.28
CA PHE C 62 17.05 11.64 22.15
C PHE C 62 15.75 12.48 22.28
N THR C 63 15.17 12.47 23.49
CA THR C 63 13.93 13.16 23.86
C THR C 63 14.06 14.67 23.72
N LYS C 64 15.13 15.26 24.30
CA LYS C 64 15.45 16.70 24.21
C LYS C 64 15.47 17.19 22.75
N LYS C 65 15.86 16.33 21.80
CA LYS C 65 15.93 16.67 20.38
C LYS C 65 14.60 16.50 19.67
N LEU C 66 13.58 15.90 20.33
CA LEU C 66 12.27 15.74 19.71
C LEU C 66 11.61 17.11 19.50
N PRO C 67 11.17 17.41 18.25
CA PRO C 67 10.57 18.72 17.98
C PRO C 67 9.45 19.14 18.95
N GLY C 68 9.65 20.30 19.55
CA GLY C 68 8.74 20.92 20.52
C GLY C 68 8.87 20.50 21.96
N PHE C 69 9.61 19.41 22.25
CA PHE C 69 9.74 18.86 23.61
C PHE C 69 10.19 19.89 24.67
N GLN C 70 11.16 20.75 24.33
CA GLN C 70 11.71 21.71 25.30
C GLN C 70 10.80 22.94 25.54
N THR C 71 9.71 23.09 24.76
CA THR C 71 8.73 24.15 24.92
C THR C 71 7.62 23.72 25.91
N LEU C 72 7.54 22.41 26.23
CA LEU C 72 6.57 21.85 27.16
C LEU C 72 6.90 22.22 28.61
N ASP C 73 5.87 22.25 29.48
CA ASP C 73 5.97 22.48 30.92
C ASP C 73 6.97 21.48 31.51
N HIS C 74 7.94 21.98 32.32
CA HIS C 74 9.01 21.19 32.93
C HIS C 74 8.56 19.94 33.67
N GLU C 75 7.44 20.02 34.41
CA GLU C 75 6.92 18.89 35.16
C GLU C 75 6.33 17.83 34.23
N ASP C 76 5.76 18.25 33.08
CA ASP C 76 5.22 17.34 32.07
C ASP C 76 6.37 16.64 31.36
N GLN C 77 7.51 17.35 31.18
CA GLN C 77 8.74 16.82 30.60
C GLN C 77 9.25 15.64 31.44
N ILE C 78 9.29 15.80 32.79
CA ILE C 78 9.71 14.75 33.74
C ILE C 78 8.71 13.58 33.70
N ALA C 79 7.39 13.90 33.67
CA ALA C 79 6.31 12.92 33.63
C ALA C 79 6.35 12.06 32.37
N LEU C 80 6.73 12.65 31.21
CA LEU C 80 6.86 11.92 29.94
C LEU C 80 8.04 10.95 29.97
N LEU C 81 9.17 11.38 30.55
CA LEU C 81 10.39 10.60 30.67
C LEU C 81 10.22 9.43 31.61
N LYS C 82 9.65 9.69 32.80
CA LYS C 82 9.36 8.65 33.80
C LYS C 82 8.37 7.62 33.25
N GLY C 83 7.35 8.10 32.54
CA GLY C 83 6.32 7.26 31.95
C GLY C 83 6.77 6.36 30.81
N SER C 84 7.83 6.75 30.08
CA SER C 84 8.27 5.96 28.91
C SER C 84 9.60 5.20 29.01
N ALA C 85 10.46 5.53 30.01
CA ALA C 85 11.79 4.95 30.13
C ALA C 85 11.85 3.41 30.06
N VAL C 86 11.01 2.71 30.84
CA VAL C 86 10.95 1.25 30.87
C VAL C 86 10.44 0.67 29.53
N GLU C 87 9.37 1.24 28.97
CA GLU C 87 8.79 0.85 27.69
C GLU C 87 9.83 0.97 26.57
N ALA C 88 10.57 2.10 26.56
CA ALA C 88 11.61 2.40 25.59
C ALA C 88 12.76 1.40 25.65
N MET C 89 13.14 0.96 26.87
CA MET C 89 14.20 -0.05 27.02
C MET C 89 13.71 -1.42 26.48
N PHE C 90 12.44 -1.82 26.78
CA PHE C 90 11.89 -3.06 26.25
C PHE C 90 11.71 -3.02 24.74
N LEU C 91 11.36 -1.84 24.18
CA LEU C 91 11.25 -1.68 22.71
C LEU C 91 12.63 -1.82 22.08
N ARG C 92 13.65 -1.19 22.71
CA ARG C 92 15.05 -1.24 22.27
C ARG C 92 15.61 -2.67 22.35
N SER C 93 15.26 -3.40 23.43
CA SER C 93 15.67 -4.80 23.65
C SER C 93 15.05 -5.69 22.60
N ALA C 94 13.80 -5.38 22.19
CA ALA C 94 13.08 -6.12 21.16
C ALA C 94 13.73 -5.92 19.79
N GLU C 95 14.19 -4.69 19.53
CA GLU C 95 14.87 -4.35 18.28
C GLU C 95 16.15 -5.19 18.12
N ILE C 96 17.01 -5.21 19.16
CA ILE C 96 18.25 -5.98 19.21
C ILE C 96 17.99 -7.48 19.07
N PHE C 97 16.97 -8.00 19.79
CA PHE C 97 16.60 -9.43 19.71
C PHE C 97 16.23 -9.91 18.29
N ASN C 98 15.67 -9.02 17.46
CA ASN C 98 15.21 -9.36 16.10
C ASN C 98 16.19 -8.97 14.98
N LYS C 99 17.39 -8.50 15.36
CA LYS C 99 18.47 -8.20 14.41
C LYS C 99 19.01 -9.55 13.88
N LYS C 100 19.23 -9.63 12.55
CA LYS C 100 19.72 -10.83 11.90
C LYS C 100 21.13 -11.22 12.37
N LEU C 101 21.30 -12.51 12.70
CA LEU C 101 22.55 -13.08 13.21
C LEU C 101 22.89 -14.40 12.50
N PRO C 102 24.16 -14.92 12.59
CA PRO C 102 24.46 -16.22 11.95
C PRO C 102 23.67 -17.37 12.58
N SER C 103 23.54 -18.50 11.85
CA SER C 103 22.81 -19.70 12.29
C SER C 103 23.14 -20.10 13.72
N GLY C 104 22.09 -20.33 14.51
CA GLY C 104 22.19 -20.75 15.91
C GLY C 104 22.33 -19.65 16.93
N HIS C 105 22.91 -18.49 16.55
CA HIS C 105 23.18 -17.33 17.41
C HIS C 105 21.95 -16.77 18.13
N SER C 106 20.82 -16.61 17.42
CA SER C 106 19.59 -16.09 18.01
C SER C 106 18.99 -17.06 19.03
N ASP C 107 19.12 -18.38 18.79
CA ASP C 107 18.63 -19.41 19.70
C ASP C 107 19.50 -19.40 20.97
N LEU C 108 20.82 -19.17 20.82
CA LEU C 108 21.77 -19.09 21.94
C LEU C 108 21.55 -17.80 22.72
N LEU C 109 21.29 -16.69 22.02
CA LEU C 109 21.00 -15.40 22.64
C LEU C 109 19.76 -15.52 23.54
N GLU C 110 18.67 -16.11 23.01
CA GLU C 110 17.42 -16.35 23.72
C GLU C 110 17.68 -17.22 24.97
N ALA C 111 18.40 -18.34 24.80
CA ALA C 111 18.75 -19.24 25.90
C ALA C 111 19.58 -18.57 27.02
N ARG C 112 20.53 -17.70 26.63
CA ARG C 112 21.36 -16.96 27.58
C ARG C 112 20.51 -15.92 28.36
N ILE C 113 19.54 -15.26 27.69
CA ILE C 113 18.63 -14.30 28.33
C ILE C 113 17.65 -15.06 29.26
N ARG C 114 17.17 -16.26 28.85
CA ARG C 114 16.25 -17.08 29.65
C ARG C 114 16.89 -17.49 31.00
N ASN C 115 18.23 -17.65 31.00
CA ASN C 115 19.01 -18.05 32.17
C ASN C 115 19.72 -16.89 32.89
N SER C 116 19.40 -15.63 32.54
CA SER C 116 20.04 -14.43 33.09
C SER C 116 19.80 -14.15 34.59
N GLY C 117 18.72 -14.68 35.14
CA GLY C 117 18.38 -14.46 36.55
C GLY C 117 16.93 -14.13 36.80
N ILE C 118 16.25 -13.60 35.78
CA ILE C 118 14.84 -13.24 35.81
C ILE C 118 13.98 -14.53 35.85
N SER C 119 12.86 -14.51 36.60
CA SER C 119 11.98 -15.67 36.71
C SER C 119 11.25 -15.95 35.39
N ASP C 120 10.92 -17.24 35.14
CA ASP C 120 10.24 -17.64 33.91
C ASP C 120 8.87 -16.98 33.73
N GLU C 121 8.25 -16.57 34.85
CA GLU C 121 6.98 -15.87 34.96
C GLU C 121 6.97 -14.62 34.03
N TYR C 122 8.09 -13.90 33.97
CA TYR C 122 8.26 -12.68 33.17
C TYR C 122 9.01 -12.93 31.87
N ILE C 123 9.76 -14.06 31.79
CA ILE C 123 10.54 -14.48 30.63
C ILE C 123 9.64 -14.72 29.42
N THR C 124 8.54 -15.47 29.60
CA THR C 124 7.58 -15.84 28.55
C THR C 124 6.95 -14.57 27.93
N PRO C 125 6.29 -13.63 28.69
CA PRO C 125 5.74 -12.42 28.06
C PRO C 125 6.75 -11.60 27.26
N MET C 126 8.02 -11.50 27.75
CA MET C 126 9.09 -10.77 27.07
C MET C 126 9.38 -11.34 25.69
N PHE C 127 9.58 -12.66 25.59
CA PHE C 127 9.88 -13.32 24.31
C PHE C 127 8.67 -13.36 23.39
N SER C 128 7.46 -13.45 23.98
CA SER C 128 6.18 -13.43 23.27
C SER C 128 6.11 -12.08 22.55
N PHE C 129 6.37 -10.96 23.27
CA PHE C 129 6.40 -9.61 22.71
C PHE C 129 7.53 -9.41 21.71
N TYR C 130 8.78 -9.81 22.04
CA TYR C 130 9.94 -9.68 21.14
C TYR C 130 9.68 -10.40 19.81
N LYS C 131 9.15 -11.63 19.84
CA LYS C 131 8.85 -12.38 18.61
C LYS C 131 7.69 -11.74 17.84
N SER C 132 6.72 -11.11 18.56
CA SER C 132 5.59 -10.39 17.97
C SER C 132 6.08 -9.12 17.28
N ILE C 133 7.05 -8.42 17.89
CA ILE C 133 7.71 -7.23 17.33
C ILE C 133 8.45 -7.60 16.03
N GLY C 134 9.14 -8.75 16.04
CA GLY C 134 9.89 -9.26 14.91
C GLY C 134 9.03 -9.65 13.73
N GLU C 135 7.79 -10.09 14.01
CA GLU C 135 6.83 -10.47 12.99
C GLU C 135 6.46 -9.27 12.14
N LEU C 136 6.43 -8.07 12.75
CA LEU C 136 6.15 -6.81 12.05
C LEU C 136 7.25 -6.47 11.04
N LYS C 137 8.45 -7.12 11.16
CA LYS C 137 9.61 -6.94 10.29
C LYS C 137 9.89 -5.44 10.12
N MET C 138 10.05 -4.76 11.28
CA MET C 138 10.24 -3.32 11.38
C MET C 138 11.59 -2.85 10.87
N THR C 139 11.58 -1.68 10.22
CA THR C 139 12.79 -1.04 9.72
C THR C 139 13.32 -0.17 10.83
N GLN C 140 14.59 0.25 10.72
CA GLN C 140 15.24 1.11 11.71
C GLN C 140 14.47 2.41 11.96
N GLU C 141 13.86 2.98 10.89
CA GLU C 141 13.04 4.20 10.93
C GLU C 141 11.75 3.98 11.71
N GLU C 142 11.13 2.80 11.54
CA GLU C 142 9.91 2.42 12.24
C GLU C 142 10.17 2.32 13.74
N TYR C 143 11.34 1.76 14.13
CA TYR C 143 11.78 1.66 15.53
C TYR C 143 12.01 3.05 16.13
N ALA C 144 12.68 3.94 15.36
CA ALA C 144 12.98 5.32 15.76
C ALA C 144 11.70 6.14 15.97
N LEU C 145 10.75 6.06 15.02
CA LEU C 145 9.46 6.76 15.10
C LEU C 145 8.58 6.23 16.25
N LEU C 146 8.52 4.89 16.42
CA LEU C 146 7.76 4.25 17.48
C LEU C 146 8.29 4.63 18.86
N THR C 147 9.62 4.79 19.00
CA THR C 147 10.23 5.21 20.27
C THR C 147 9.78 6.66 20.56
N ALA C 148 9.84 7.55 19.55
CA ALA C 148 9.39 8.93 19.65
C ALA C 148 7.89 9.01 20.04
N ILE C 149 7.06 8.16 19.41
CA ILE C 149 5.63 8.06 19.68
C ILE C 149 5.36 7.61 21.12
N VAL C 150 6.12 6.61 21.61
CA VAL C 150 6.04 6.09 22.97
C VAL C 150 6.37 7.18 24.00
N ILE C 151 7.44 7.96 23.75
CA ILE C 151 7.86 9.05 24.64
C ILE C 151 6.80 10.16 24.71
N LEU C 152 6.30 10.58 23.54
CA LEU C 152 5.32 11.66 23.47
C LEU C 152 3.86 11.18 23.58
N SER C 153 3.59 10.26 24.53
CA SER C 153 2.26 9.74 24.78
C SER C 153 1.46 10.73 25.62
N PRO C 154 0.34 11.27 25.08
CA PRO C 154 -0.46 12.26 25.84
C PRO C 154 -1.20 11.68 27.04
N ASP C 155 -1.61 10.41 26.95
CA ASP C 155 -2.35 9.67 27.97
C ASP C 155 -1.45 9.03 29.04
N ARG C 156 -0.36 9.72 29.40
CA ARG C 156 0.58 9.28 30.44
C ARG C 156 0.10 9.90 31.75
N GLN C 157 0.26 9.20 32.90
CA GLN C 157 -0.22 9.78 34.16
C GLN C 157 0.63 10.96 34.66
N TYR C 158 -0.05 11.93 35.32
CA TYR C 158 0.48 13.17 35.92
C TYR C 158 0.69 14.29 34.90
N ILE C 159 0.37 14.06 33.60
CA ILE C 159 0.48 15.08 32.56
C ILE C 159 -0.63 16.13 32.79
N LYS C 160 -0.24 17.41 32.88
CA LYS C 160 -1.15 18.53 33.09
C LYS C 160 -1.78 19.03 31.80
N ASP C 161 -0.97 19.14 30.73
CA ASP C 161 -1.43 19.60 29.42
C ASP C 161 -1.28 18.50 28.35
N ARG C 162 -2.30 17.65 28.26
CA ARG C 162 -2.44 16.50 27.35
C ARG C 162 -2.35 16.91 25.87
N GLU C 163 -3.08 17.98 25.50
CA GLU C 163 -3.20 18.53 24.15
C GLU C 163 -1.89 19.09 23.60
N ALA C 164 -0.99 19.58 24.48
CA ALA C 164 0.32 20.11 24.06
C ALA C 164 1.21 18.94 23.60
N VAL C 165 1.10 17.79 24.30
CA VAL C 165 1.81 16.54 23.99
C VAL C 165 1.24 15.95 22.70
N GLU C 166 -0.11 15.97 22.56
CA GLU C 166 -0.87 15.50 21.40
C GLU C 166 -0.35 16.11 20.11
N LYS C 167 -0.17 17.44 20.11
CA LYS C 167 0.32 18.26 19.00
C LYS C 167 1.73 17.88 18.55
N LEU C 168 2.57 17.38 19.48
CA LEU C 168 3.93 16.94 19.16
C LEU C 168 3.97 15.50 18.63
N GLN C 169 3.03 14.65 19.08
CA GLN C 169 2.96 13.25 18.67
C GLN C 169 2.31 13.06 17.30
N GLU C 170 1.29 13.89 16.96
CA GLU C 170 0.54 13.82 15.71
C GLU C 170 1.46 13.82 14.46
N PRO C 171 2.42 14.77 14.27
CA PRO C 171 3.29 14.68 13.06
C PRO C 171 4.12 13.42 12.96
N LEU C 172 4.51 12.82 14.10
CA LEU C 172 5.30 11.60 14.13
C LEU C 172 4.47 10.38 13.74
N LEU C 173 3.18 10.34 14.20
CA LEU C 173 2.20 9.31 13.85
C LEU C 173 1.92 9.33 12.34
N ASP C 174 1.81 10.53 11.73
CA ASP C 174 1.58 10.69 10.28
C ASP C 174 2.74 10.18 9.45
N VAL C 175 3.99 10.45 9.88
CA VAL C 175 5.21 9.97 9.21
C VAL C 175 5.27 8.41 9.27
N LEU C 176 5.01 7.83 10.46
CA LEU C 176 5.00 6.35 10.62
C LEU C 176 3.90 5.71 9.76
N GLN C 177 2.70 6.32 9.70
CA GLN C 177 1.58 5.80 8.90
C GLN C 177 1.96 5.73 7.42
N LYS C 178 2.56 6.82 6.87
CA LYS C 178 3.05 6.87 5.49
C LYS C 178 4.10 5.77 5.22
N LEU C 179 5.03 5.56 6.17
CA LEU C 179 6.05 4.52 6.05
C LEU C 179 5.47 3.12 6.02
N CYS C 180 4.41 2.88 6.83
CA CYS C 180 3.72 1.58 6.87
C CYS C 180 3.08 1.25 5.52
N LYS C 181 2.49 2.26 4.86
CA LYS C 181 1.85 2.13 3.54
C LYS C 181 2.87 1.88 2.44
N ILE C 182 4.07 2.49 2.55
CA ILE C 182 5.17 2.34 1.59
C ILE C 182 5.86 0.97 1.73
N HIS C 183 6.25 0.60 2.96
CA HIS C 183 6.95 -0.65 3.25
C HIS C 183 6.06 -1.89 3.18
N GLN C 184 4.76 -1.77 3.49
CA GLN C 184 3.82 -2.87 3.43
C GLN C 184 2.52 -2.47 2.72
N PRO C 185 2.54 -2.24 1.37
CA PRO C 185 1.30 -1.83 0.68
C PRO C 185 0.23 -2.91 0.59
N GLU C 186 0.66 -4.18 0.61
CA GLU C 186 -0.22 -5.37 0.55
C GLU C 186 -1.07 -5.53 1.83
N ASN C 187 -0.54 -5.05 2.98
CA ASN C 187 -1.19 -5.13 4.29
C ASN C 187 -1.56 -3.72 4.83
N PRO C 188 -2.82 -3.27 4.64
CA PRO C 188 -3.20 -1.93 5.12
C PRO C 188 -3.47 -1.87 6.63
N GLN C 189 -3.41 -3.03 7.30
CA GLN C 189 -3.63 -3.18 8.74
C GLN C 189 -2.37 -2.88 9.54
N HIS C 190 -1.19 -2.98 8.88
CA HIS C 190 0.15 -2.82 9.46
C HIS C 190 0.31 -1.67 10.44
N PHE C 191 -0.23 -0.47 10.13
CA PHE C 191 -0.13 0.68 11.04
C PHE C 191 -0.83 0.42 12.38
N ALA C 192 -2.10 -0.05 12.34
CA ALA C 192 -2.87 -0.38 13.52
C ALA C 192 -2.23 -1.51 14.32
N CYS C 193 -1.63 -2.52 13.63
CA CYS C 193 -0.92 -3.64 14.25
C CYS C 193 0.27 -3.13 15.04
N LEU C 194 1.00 -2.15 14.47
CA LEU C 194 2.13 -1.48 15.10
C LEU C 194 1.68 -0.72 16.36
N LEU C 195 0.56 -0.01 16.28
CA LEU C 195 -0.01 0.73 17.40
C LEU C 195 -0.51 -0.19 18.53
N GLY C 196 -0.80 -1.46 18.21
CA GLY C 196 -1.18 -2.46 19.17
C GLY C 196 -0.06 -2.78 20.16
N ARG C 197 1.25 -2.75 19.71
CA ARG C 197 2.44 -3.02 20.56
C ARG C 197 2.56 -2.05 21.71
N LEU C 198 2.14 -0.80 21.52
CA LEU C 198 2.11 0.24 22.53
C LEU C 198 1.28 -0.19 23.77
N THR C 199 0.18 -0.95 23.54
CA THR C 199 -0.67 -1.46 24.61
C THR C 199 0.02 -2.64 25.29
N GLU C 200 0.70 -3.49 24.48
CA GLU C 200 1.49 -4.62 24.96
C GLU C 200 2.68 -4.15 25.81
N LEU C 201 3.31 -3.01 25.41
CA LEU C 201 4.43 -2.39 26.11
C LEU C 201 4.08 -1.89 27.49
N ARG C 202 2.85 -1.37 27.67
CA ARG C 202 2.37 -0.83 28.95
C ARG C 202 2.33 -1.90 30.05
N THR C 203 2.07 -3.18 29.68
CA THR C 203 2.03 -4.29 30.65
C THR C 203 3.37 -4.54 31.31
N PHE C 204 4.48 -4.48 30.54
CA PHE C 204 5.84 -4.67 31.07
C PHE C 204 6.21 -3.58 32.04
N ASN C 205 5.74 -2.36 31.75
CA ASN C 205 5.93 -1.18 32.57
C ASN C 205 5.12 -1.31 33.87
N HIS C 206 3.94 -1.98 33.83
CA HIS C 206 3.13 -2.19 35.04
C HIS C 206 3.89 -3.01 36.08
N HIS C 207 4.55 -4.10 35.61
CA HIS C 207 5.28 -5.06 36.43
C HIS C 207 6.83 -4.96 36.41
N HIS C 208 7.43 -3.79 36.09
CA HIS C 208 8.90 -3.72 36.02
C HIS C 208 9.58 -3.88 37.38
N ALA C 209 9.09 -3.17 38.43
CA ALA C 209 9.66 -3.22 39.77
C ALA C 209 9.72 -4.66 40.33
N GLU C 210 8.63 -5.45 40.14
CA GLU C 210 8.51 -6.85 40.58
C GLU C 210 9.47 -7.76 39.80
N MET C 211 9.55 -7.54 38.48
CA MET C 211 10.41 -8.21 37.49
C MET C 211 11.89 -8.12 37.93
N LEU C 212 12.31 -6.93 38.45
CA LEU C 212 13.65 -6.61 38.92
C LEU C 212 13.95 -7.14 40.31
N MET C 213 12.95 -7.09 41.23
CA MET C 213 13.09 -7.56 42.62
C MET C 213 13.11 -9.09 42.73
N SER C 214 12.48 -9.79 41.76
CA SER C 214 12.40 -11.27 41.68
C SER C 214 13.65 -11.90 41.03
N TRP C 215 14.59 -11.07 40.53
CA TRP C 215 15.84 -11.52 39.92
C TRP C 215 16.65 -12.29 40.97
N ARG C 216 17.23 -13.44 40.58
CA ARG C 216 18.03 -14.30 41.48
C ARG C 216 19.36 -13.64 41.87
N VAL C 217 19.29 -12.74 42.84
CA VAL C 217 20.45 -12.04 43.41
C VAL C 217 20.15 -11.79 44.90
N ASN C 218 21.20 -11.76 45.75
CA ASN C 218 21.02 -11.55 47.19
C ASN C 218 20.63 -10.10 47.52
N ASP C 219 21.19 -9.15 46.77
CA ASP C 219 20.88 -7.73 46.92
C ASP C 219 20.69 -7.05 45.58
N HIS C 220 19.58 -6.32 45.45
CA HIS C 220 19.18 -5.62 44.22
C HIS C 220 19.61 -4.15 44.31
N LYS C 221 20.90 -3.89 44.04
CA LYS C 221 21.48 -2.55 44.09
C LYS C 221 21.37 -1.86 42.73
N PHE C 222 20.76 -0.68 42.72
CA PHE C 222 20.59 0.13 41.51
C PHE C 222 21.45 1.41 41.61
N THR C 223 21.53 2.16 40.50
CA THR C 223 22.29 3.41 40.41
C THR C 223 21.36 4.58 40.79
N PRO C 224 21.88 5.73 41.33
CA PRO C 224 20.98 6.87 41.66
C PRO C 224 20.06 7.33 40.52
N LEU C 225 20.52 7.18 39.26
CA LEU C 225 19.73 7.53 38.07
C LEU C 225 18.57 6.52 37.85
N LEU C 226 18.83 5.21 38.06
CA LEU C 226 17.80 4.18 37.93
C LEU C 226 16.76 4.29 39.05
N CYS C 227 17.18 4.72 40.26
CA CYS C 227 16.27 4.92 41.39
C CYS C 227 15.24 6.01 41.11
N GLU C 228 15.64 7.05 40.35
CA GLU C 228 14.77 8.16 39.97
C GLU C 228 13.77 7.75 38.88
N ILE C 229 14.23 6.99 37.88
CA ILE C 229 13.46 6.58 36.71
C ILE C 229 12.60 5.33 36.93
N TRP C 230 13.07 4.35 37.71
CA TRP C 230 12.37 3.10 37.95
C TRP C 230 11.52 3.05 39.23
N ASP C 231 11.86 3.90 40.23
CA ASP C 231 11.26 4.05 41.56
C ASP C 231 11.45 2.82 42.47
N HIS D 3 13.85 14.64 41.50
CA HIS D 3 14.42 14.08 40.27
C HIS D 3 15.51 15.01 39.70
N GLN D 4 16.49 15.34 40.57
CA GLN D 4 17.62 16.22 40.27
C GLN D 4 18.45 15.80 39.06
N LEU D 5 18.81 14.52 38.94
CA LEU D 5 19.61 13.99 37.83
C LEU D 5 18.88 14.09 36.50
N LEU D 6 17.59 13.76 36.50
CA LEU D 6 16.70 13.84 35.34
C LEU D 6 16.62 15.30 34.87
N ARG D 7 16.43 16.24 35.81
CA ARG D 7 16.37 17.70 35.56
C ARG D 7 17.71 18.22 35.07
N TYR D 8 18.83 17.71 35.64
CA TYR D 8 20.17 18.06 35.19
C TYR D 8 20.36 17.65 33.73
N LEU D 9 20.07 16.38 33.40
CA LEU D 9 20.21 15.84 32.02
C LEU D 9 19.32 16.60 31.01
N LEU D 10 18.16 17.08 31.47
CA LEU D 10 17.18 17.81 30.68
C LEU D 10 17.59 19.25 30.41
N ASP D 11 18.13 19.95 31.44
CA ASP D 11 18.50 21.37 31.35
C ASP D 11 19.93 21.64 30.86
N LYS D 12 20.83 20.65 30.84
CA LYS D 12 22.21 20.85 30.38
C LYS D 12 22.28 21.17 28.86
N ASP D 13 23.44 21.74 28.40
CA ASP D 13 23.73 22.16 27.02
C ASP D 13 22.74 23.23 26.51
#